data_4DMY
#
_entry.id   4DMY
#
_cell.length_a   31.927
_cell.length_b   69.554
_cell.length_c   90.645
_cell.angle_alpha   90.00
_cell.angle_beta   99.83
_cell.angle_gamma   90.00
#
_symmetry.space_group_name_H-M   'P 1 21 1'
#
loop_
_entity.id
_entity.type
_entity.pdbx_description
1 polymer 'Cathepsin K'
2 non-polymer (1R,2R)-N-(1-cyanocyclopropyl)-2-[(8-fluoro-1,3,4,5-tetrahydro-2H-pyrido[4,3-b]indol-2-yl)carbonyl]cyclohexanecarboxamide
3 non-polymer 'SULFATE ION'
4 non-polymer GLYCEROL
5 water water
#
_entity_poly.entity_id   1
_entity_poly.type   'polypeptide(L)'
_entity_poly.pdbx_seq_one_letter_code
;APDSVDYRKKGYVTPVKNQGQCGSCWAFSSVGALEGQLKKKTGKLLNLSPQNLVDCVSENDGCGGGYMTNAFQYVQKNRG
IDSEDAYPYVGQEESCMYNPTGKAAKCRGYREIPEGNEKALKRAVARVGPVSVAIDASLTSFQFYSKGVYYDESCNSDNL
NHAVLAVGYGIQKGNKHWIIKNSWGENWGNKGYILMARNKNNACGIANLASFPKM
;
_entity_poly.pdbx_strand_id   A,B
#
# COMPACT_ATOMS: atom_id res chain seq x y z
N ALA A 1 -30.77 3.81 0.17
CA ALA A 1 -29.81 2.73 0.53
C ALA A 1 -29.50 2.85 2.01
N PRO A 2 -29.37 1.70 2.70
CA PRO A 2 -29.01 1.74 4.11
C PRO A 2 -27.62 2.34 4.34
N ASP A 3 -27.36 2.83 5.53
CA ASP A 3 -26.07 3.45 5.80
C ASP A 3 -24.96 2.43 5.77
N SER A 4 -25.28 1.19 6.14
CA SER A 4 -24.35 0.07 6.04
C SER A 4 -25.05 -1.21 5.59
N VAL A 5 -24.33 -2.00 4.82
CA VAL A 5 -24.79 -3.30 4.30
C VAL A 5 -23.64 -4.32 4.44
N ASP A 6 -23.98 -5.55 4.80
CA ASP A 6 -22.98 -6.62 4.85
C ASP A 6 -23.64 -7.96 4.50
N TYR A 7 -23.52 -8.38 3.24
CA TYR A 7 -24.19 -9.58 2.77
C TYR A 7 -23.67 -10.87 3.38
N ARG A 8 -22.49 -10.83 3.97
CA ARG A 8 -21.97 -12.02 4.68
C ARG A 8 -22.85 -12.42 5.86
N LYS A 9 -23.44 -11.42 6.51
CA LYS A 9 -24.38 -11.58 7.62
C LYS A 9 -25.75 -12.12 7.21
N LYS A 10 -26.01 -12.15 5.90
CA LYS A 10 -27.30 -12.55 5.35
C LYS A 10 -27.24 -13.86 4.58
N GLY A 11 -26.08 -14.49 4.63
CA GLY A 11 -25.90 -15.80 4.02
C GLY A 11 -25.83 -15.75 2.52
N TYR A 12 -25.38 -14.61 1.96
CA TYR A 12 -25.21 -14.48 0.51
C TYR A 12 -23.78 -14.73 0.04
N VAL A 13 -22.86 -14.97 0.97
CA VAL A 13 -21.43 -15.05 0.65
C VAL A 13 -20.83 -16.38 1.10
N THR A 14 -20.18 -17.06 0.15
CA THR A 14 -19.58 -18.37 0.43
C THR A 14 -18.21 -18.13 1.07
N PRO A 15 -17.61 -19.17 1.67
CA PRO A 15 -16.29 -19.00 2.25
C PRO A 15 -15.25 -18.42 1.29
N VAL A 16 -14.24 -17.77 1.86
CA VAL A 16 -13.12 -17.26 1.10
C VAL A 16 -12.37 -18.43 0.47
N LYS A 17 -12.04 -18.27 -0.80
CA LYS A 17 -11.25 -19.23 -1.56
C LYS A 17 -9.85 -18.72 -1.79
N ASN A 18 -9.01 -19.60 -2.33
CA ASN A 18 -7.64 -19.27 -2.70
C ASN A 18 -7.42 -19.64 -4.16
N GLN A 19 -7.18 -18.63 -4.99
CA GLN A 19 -6.89 -18.87 -6.40
C GLN A 19 -5.50 -19.47 -6.66
N GLY A 20 -4.63 -19.39 -5.67
CA GLY A 20 -3.26 -19.86 -5.81
C GLY A 20 -2.49 -19.05 -6.83
N GLN A 21 -1.64 -19.71 -7.61
CA GLN A 21 -0.72 -18.98 -8.48
C GLN A 21 -1.36 -18.54 -9.80
N CYS A 22 -2.45 -19.20 -10.17
CA CYS A 22 -3.21 -18.87 -11.35
C CYS A 22 -3.87 -17.48 -11.28
N GLY A 23 -3.77 -16.72 -12.38
CA GLY A 23 -4.42 -15.42 -12.51
C GLY A 23 -5.89 -15.49 -12.84
N SER A 24 -6.65 -16.15 -11.97
CA SER A 24 -8.08 -16.38 -12.18
C SER A 24 -8.98 -15.55 -11.28
N CYS A 25 -8.46 -14.47 -10.71
CA CYS A 25 -9.26 -13.58 -9.87
C CYS A 25 -10.59 -13.16 -10.53
N TRP A 26 -10.57 -12.91 -11.83
CA TRP A 26 -11.78 -12.54 -12.56
C TRP A 26 -12.88 -13.62 -12.49
N ALA A 27 -12.45 -14.89 -12.45
CA ALA A 27 -13.36 -16.02 -12.30
C ALA A 27 -13.95 -16.09 -10.90
N PHE A 28 -13.12 -15.88 -9.89
CA PHE A 28 -13.59 -15.90 -8.51
C PHE A 28 -14.52 -14.74 -8.25
N SER A 29 -14.16 -13.56 -8.75
CA SER A 29 -15.05 -12.42 -8.63
C SER A 29 -16.44 -12.68 -9.27
N SER A 30 -16.40 -13.22 -10.48
CA SER A 30 -17.61 -13.54 -11.23
C SER A 30 -18.49 -14.56 -10.46
N VAL A 31 -17.83 -15.60 -9.99
CA VAL A 31 -18.49 -16.65 -9.22
C VAL A 31 -19.14 -16.09 -7.97
N GLY A 32 -18.46 -15.20 -7.28
CA GLY A 32 -19.01 -14.62 -6.07
C GLY A 32 -20.28 -13.82 -6.30
N ALA A 33 -20.30 -13.04 -7.37
CA ALA A 33 -21.49 -12.27 -7.74
C ALA A 33 -22.64 -13.21 -8.16
N LEU A 34 -22.30 -14.26 -8.89
CA LEU A 34 -23.28 -15.28 -9.28
C LEU A 34 -23.85 -16.02 -8.05
N GLU A 35 -22.97 -16.39 -7.12
CA GLU A 35 -23.36 -16.99 -5.85
C GLU A 35 -24.34 -16.17 -5.05
N GLY A 36 -24.11 -14.85 -5.01
CA GLY A 36 -25.00 -13.93 -4.33
C GLY A 36 -26.38 -13.88 -4.97
N GLN A 37 -26.43 -13.78 -6.30
CA GLN A 37 -27.71 -13.71 -6.99
C GLN A 37 -28.48 -15.04 -6.92
N LEU A 38 -27.74 -16.16 -6.90
CA LEU A 38 -28.37 -17.47 -6.75
C LEU A 38 -29.06 -17.59 -5.41
N LYS A 39 -28.36 -17.18 -4.35
CA LYS A 39 -28.94 -17.18 -3.01
C LYS A 39 -30.17 -16.29 -2.99
N LYS A 40 -30.06 -15.09 -3.54
CA LYS A 40 -31.19 -14.18 -3.56
C LYS A 40 -32.41 -14.76 -4.31
N LYS A 41 -32.14 -15.38 -5.46
CA LYS A 41 -33.20 -15.91 -6.31
C LYS A 41 -33.85 -17.17 -5.77
N THR A 42 -33.05 -18.12 -5.33
CA THR A 42 -33.52 -19.46 -5.00
C THR A 42 -33.50 -19.78 -3.50
N GLY A 43 -32.75 -18.99 -2.75
CA GLY A 43 -32.62 -19.20 -1.33
C GLY A 43 -31.51 -20.16 -0.93
N LYS A 44 -30.78 -20.67 -1.91
CA LYS A 44 -29.70 -21.64 -1.70
C LYS A 44 -28.36 -20.97 -1.99
N LEU A 45 -27.44 -21.12 -1.05
CA LEU A 45 -26.06 -20.70 -1.24
C LEU A 45 -25.19 -21.92 -1.55
N LEU A 46 -24.52 -21.89 -2.68
CA LEU A 46 -23.55 -22.93 -2.99
C LEU A 46 -22.33 -22.39 -3.72
N ASN A 47 -21.22 -23.12 -3.59
CA ASN A 47 -20.00 -22.78 -4.31
C ASN A 47 -20.17 -23.06 -5.80
N LEU A 48 -19.96 -22.05 -6.63
CA LEU A 48 -19.98 -22.23 -8.09
C LEU A 48 -18.54 -22.38 -8.56
N SER A 49 -18.34 -22.78 -9.82
CA SER A 49 -17.04 -23.25 -10.29
C SER A 49 -16.22 -22.18 -11.02
N PRO A 50 -15.21 -21.60 -10.35
CA PRO A 50 -14.31 -20.72 -11.11
C PRO A 50 -13.54 -21.44 -12.24
N GLN A 51 -13.19 -22.71 -12.03
CA GLN A 51 -12.47 -23.48 -13.04
C GLN A 51 -13.28 -23.60 -14.35
N ASN A 52 -14.59 -23.76 -14.25
CA ASN A 52 -15.46 -23.78 -15.41
C ASN A 52 -15.21 -22.52 -16.23
N LEU A 53 -15.15 -21.37 -15.55
CA LEU A 53 -14.90 -20.11 -16.22
C LEU A 53 -13.48 -20.01 -16.83
N VAL A 54 -12.48 -20.33 -16.03
CA VAL A 54 -11.10 -20.32 -16.48
C VAL A 54 -11.00 -21.13 -17.78
N ASP A 55 -11.58 -22.33 -17.78
CA ASP A 55 -11.38 -23.26 -18.88
C ASP A 55 -12.26 -22.97 -20.09
N CYS A 56 -13.40 -22.34 -19.87
CA CYS A 56 -14.43 -22.31 -20.91
C CYS A 56 -14.76 -20.93 -21.48
N VAL A 57 -14.46 -19.85 -20.75
CA VAL A 57 -14.69 -18.49 -21.28
C VAL A 57 -13.57 -18.18 -22.28
N SER A 58 -13.80 -18.49 -23.57
CA SER A 58 -12.71 -18.65 -24.53
C SER A 58 -11.95 -17.36 -24.86
N GLU A 59 -12.66 -16.24 -24.82
CA GLU A 59 -12.03 -14.95 -25.10
C GLU A 59 -11.16 -14.40 -23.96
N ASN A 60 -11.46 -14.78 -22.70
CA ASN A 60 -10.55 -14.46 -21.59
C ASN A 60 -9.29 -15.33 -21.72
N ASP A 61 -8.28 -15.09 -20.88
CA ASP A 61 -6.99 -15.75 -21.02
C ASP A 61 -6.68 -16.69 -19.88
N GLY A 62 -7.72 -17.33 -19.32
CA GLY A 62 -7.52 -18.31 -18.26
C GLY A 62 -6.74 -17.76 -17.08
N CYS A 63 -5.60 -18.37 -16.78
CA CYS A 63 -4.76 -17.93 -15.68
C CYS A 63 -3.98 -16.64 -15.99
N GLY A 64 -4.08 -16.16 -17.23
CA GLY A 64 -3.45 -14.88 -17.62
C GLY A 64 -4.33 -13.64 -17.51
N GLY A 65 -5.56 -13.81 -17.04
CA GLY A 65 -6.44 -12.68 -16.77
C GLY A 65 -7.70 -12.75 -17.61
N GLY A 66 -8.64 -11.83 -17.33
CA GLY A 66 -9.91 -11.75 -18.05
C GLY A 66 -10.87 -10.72 -17.50
N TYR A 67 -12.01 -10.53 -18.17
CA TYR A 67 -13.07 -9.64 -17.68
C TYR A 67 -14.24 -10.43 -17.10
N MET A 68 -14.83 -9.90 -16.02
CA MET A 68 -16.03 -10.49 -15.44
C MET A 68 -17.23 -10.42 -16.38
N THR A 69 -17.37 -9.32 -17.12
CA THR A 69 -18.47 -9.21 -18.08
C THR A 69 -18.45 -10.38 -19.08
N ASN A 70 -17.28 -10.77 -19.57
CA ASN A 70 -17.18 -11.91 -20.50
C ASN A 70 -17.60 -13.20 -19.82
N ALA A 71 -17.25 -13.35 -18.54
CA ALA A 71 -17.66 -14.49 -17.75
C ALA A 71 -19.17 -14.60 -17.62
N PHE A 72 -19.82 -13.50 -17.27
CA PHE A 72 -21.29 -13.51 -17.15
C PHE A 72 -21.96 -13.84 -18.49
N GLN A 73 -21.43 -13.28 -19.58
CA GLN A 73 -21.98 -13.55 -20.89
C GLN A 73 -21.83 -15.03 -21.26
N TYR A 74 -20.69 -15.63 -20.94
CA TYR A 74 -20.51 -17.08 -21.11
C TYR A 74 -21.61 -17.87 -20.38
N VAL A 75 -21.87 -17.55 -19.12
CA VAL A 75 -22.83 -18.32 -18.33
C VAL A 75 -24.20 -18.20 -18.99
N GLN A 76 -24.49 -17.01 -19.47
CA GLN A 76 -25.74 -16.77 -20.20
C GLN A 76 -25.86 -17.62 -21.48
N LYS A 77 -24.91 -17.47 -22.38
CA LYS A 77 -24.94 -18.19 -23.67
C LYS A 77 -24.79 -19.70 -23.50
N ASN A 78 -24.03 -20.12 -22.49
CA ASN A 78 -23.83 -21.53 -22.16
C ASN A 78 -25.06 -22.19 -21.56
N ARG A 79 -26.00 -21.37 -21.09
CA ARG A 79 -27.18 -21.80 -20.34
C ARG A 79 -26.78 -22.50 -19.03
N GLY A 80 -25.64 -22.11 -18.46
CA GLY A 80 -25.27 -22.64 -17.16
C GLY A 80 -23.83 -22.43 -16.75
N ILE A 81 -23.62 -22.54 -15.45
CA ILE A 81 -22.29 -22.69 -14.84
C ILE A 81 -22.40 -23.86 -13.86
N ASP A 82 -21.35 -24.68 -13.82
CA ASP A 82 -21.31 -25.81 -12.91
C ASP A 82 -21.02 -25.39 -11.48
N SER A 83 -21.38 -26.27 -10.56
CA SER A 83 -21.02 -26.10 -9.16
C SER A 83 -19.52 -26.39 -9.02
N GLU A 84 -18.91 -25.88 -7.95
CA GLU A 84 -17.53 -26.23 -7.61
C GLU A 84 -17.38 -27.74 -7.48
N ASP A 85 -18.35 -28.38 -6.83
CA ASP A 85 -18.28 -29.81 -6.61
C ASP A 85 -18.25 -30.58 -7.94
N ALA A 86 -19.01 -30.09 -8.91
CA ALA A 86 -19.11 -30.73 -10.24
C ALA A 86 -17.94 -30.44 -11.16
N TYR A 87 -17.16 -29.42 -10.82
CA TYR A 87 -16.07 -28.97 -11.67
C TYR A 87 -15.09 -28.23 -10.76
N PRO A 88 -14.32 -28.98 -9.96
CA PRO A 88 -13.50 -28.37 -8.92
C PRO A 88 -12.28 -27.59 -9.41
N TYR A 89 -11.79 -26.71 -8.55
CA TYR A 89 -10.68 -25.82 -8.91
C TYR A 89 -9.33 -26.50 -8.81
N VAL A 90 -8.53 -26.36 -9.85
CA VAL A 90 -7.18 -26.90 -9.89
C VAL A 90 -6.10 -25.84 -10.14
N GLY A 91 -6.50 -24.65 -10.52
CA GLY A 91 -5.54 -23.54 -10.62
C GLY A 91 -4.52 -23.67 -11.73
N GLN A 92 -4.95 -24.28 -12.82
CA GLN A 92 -4.18 -24.26 -14.06
C GLN A 92 -5.16 -24.45 -15.20
N GLU A 93 -4.81 -23.98 -16.40
CA GLU A 93 -5.75 -24.10 -17.50
C GLU A 93 -5.69 -25.48 -18.16
N GLU A 94 -6.85 -25.88 -18.65
CA GLU A 94 -7.05 -27.21 -19.19
C GLU A 94 -8.20 -27.05 -20.18
N SER A 95 -8.48 -28.08 -20.95
CA SER A 95 -9.59 -28.01 -21.87
C SER A 95 -10.91 -27.91 -21.11
N CYS A 96 -11.94 -27.45 -21.81
CA CYS A 96 -13.22 -27.24 -21.20
C CYS A 96 -13.91 -28.58 -20.94
N MET A 97 -14.32 -28.77 -19.69
CA MET A 97 -14.99 -29.97 -19.24
C MET A 97 -16.36 -29.66 -18.67
N TYR A 98 -16.98 -28.59 -19.15
CA TYR A 98 -18.31 -28.25 -18.70
C TYR A 98 -19.29 -29.39 -18.94
N ASN A 99 -20.06 -29.70 -17.90
CA ASN A 99 -21.09 -30.75 -18.00
C ASN A 99 -22.42 -30.19 -17.53
N PRO A 100 -23.44 -30.17 -18.42
CA PRO A 100 -24.71 -29.61 -17.95
C PRO A 100 -25.36 -30.30 -16.75
N THR A 101 -25.00 -31.55 -16.44
CA THR A 101 -25.59 -32.22 -15.28
C THR A 101 -25.12 -31.60 -13.97
N GLY A 102 -24.01 -30.88 -14.02
CA GLY A 102 -23.43 -30.24 -12.83
C GLY A 102 -23.90 -28.80 -12.66
N LYS A 103 -24.82 -28.36 -13.51
CA LYS A 103 -25.24 -26.94 -13.58
C LYS A 103 -25.91 -26.56 -12.26
N ALA A 104 -25.53 -25.40 -11.74
CA ALA A 104 -26.05 -24.92 -10.46
C ALA A 104 -26.62 -23.51 -10.50
N ALA A 105 -26.40 -22.78 -11.60
CA ALA A 105 -26.93 -21.43 -11.77
C ALA A 105 -26.94 -21.07 -13.23
N LYS A 106 -27.83 -20.12 -13.57
CA LYS A 106 -27.92 -19.55 -14.90
C LYS A 106 -27.81 -18.04 -14.80
N CYS A 107 -27.68 -17.40 -15.95
CA CYS A 107 -27.45 -15.96 -16.04
C CYS A 107 -28.26 -15.42 -17.20
N ARG A 108 -28.95 -14.29 -16.99
CA ARG A 108 -29.71 -13.64 -18.06
C ARG A 108 -29.03 -12.36 -18.58
N GLY A 109 -27.72 -12.29 -18.38
CA GLY A 109 -26.93 -11.14 -18.80
C GLY A 109 -26.37 -10.42 -17.59
N TYR A 110 -25.99 -9.17 -17.80
CA TYR A 110 -25.33 -8.40 -16.74
C TYR A 110 -25.57 -6.92 -16.89
N ARG A 111 -25.27 -6.21 -15.80
N ARG A 111 -25.28 -6.20 -15.81
CA ARG A 111 -25.34 -4.74 -15.77
CA ARG A 111 -25.34 -4.75 -15.80
C ARG A 111 -24.00 -4.21 -15.29
C ARG A 111 -24.01 -4.21 -15.30
N GLU A 112 -23.62 -3.05 -15.81
CA GLU A 112 -22.38 -2.38 -15.44
C GLU A 112 -22.73 -1.12 -14.66
N ILE A 113 -21.93 -0.83 -13.66
CA ILE A 113 -22.09 0.40 -12.87
C ILE A 113 -21.38 1.52 -13.62
N PRO A 114 -22.01 2.70 -13.73
CA PRO A 114 -21.36 3.85 -14.34
C PRO A 114 -19.93 4.06 -13.84
N GLU A 115 -19.02 4.26 -14.79
CA GLU A 115 -17.60 4.24 -14.50
C GLU A 115 -17.26 5.29 -13.45
N GLY A 116 -16.63 4.84 -12.38
CA GLY A 116 -16.04 5.71 -11.38
C GLY A 116 -17.03 6.19 -10.32
N ASN A 117 -18.29 5.80 -10.45
CA ASN A 117 -19.34 6.33 -9.58
C ASN A 117 -19.58 5.45 -8.36
N GLU A 118 -19.02 5.89 -7.24
CA GLU A 118 -19.15 5.17 -5.98
C GLU A 118 -20.55 5.28 -5.37
N LYS A 119 -21.27 6.36 -5.71
CA LYS A 119 -22.65 6.50 -5.29
C LYS A 119 -23.51 5.45 -5.97
N ALA A 120 -23.30 5.29 -7.28
CA ALA A 120 -23.93 4.23 -8.05
C ALA A 120 -23.54 2.84 -7.52
N LEU A 121 -22.29 2.64 -7.18
CA LEU A 121 -21.86 1.34 -6.67
C LEU A 121 -22.56 1.03 -5.33
N LYS A 122 -22.64 2.02 -4.44
CA LYS A 122 -23.37 1.84 -3.17
C LYS A 122 -24.81 1.41 -3.41
N ARG A 123 -25.47 2.10 -4.33
CA ARG A 123 -26.88 1.83 -4.60
C ARG A 123 -27.07 0.42 -5.16
N ALA A 124 -26.15 0.00 -6.01
CA ALA A 124 -26.19 -1.33 -6.61
C ALA A 124 -25.97 -2.39 -5.54
N VAL A 125 -24.93 -2.23 -4.71
CA VAL A 125 -24.71 -3.18 -3.63
C VAL A 125 -25.93 -3.31 -2.74
N ALA A 126 -26.54 -2.17 -2.42
CA ALA A 126 -27.74 -2.16 -1.58
C ALA A 126 -28.93 -2.89 -2.21
N ARG A 127 -29.13 -2.69 -3.51
CA ARG A 127 -30.32 -3.17 -4.21
C ARG A 127 -30.18 -4.60 -4.70
N VAL A 128 -28.95 -4.99 -5.05
CA VAL A 128 -28.72 -6.21 -5.83
C VAL A 128 -28.11 -7.32 -4.98
N GLY A 129 -27.04 -6.98 -4.26
CA GLY A 129 -26.24 -7.98 -3.59
C GLY A 129 -24.78 -7.74 -3.88
N PRO A 130 -23.90 -8.71 -3.58
CA PRO A 130 -22.50 -8.54 -3.95
C PRO A 130 -22.25 -8.22 -5.44
N VAL A 131 -21.31 -7.32 -5.67
CA VAL A 131 -21.00 -6.80 -7.00
C VAL A 131 -19.52 -7.05 -7.31
N SER A 132 -19.25 -7.52 -8.53
CA SER A 132 -17.88 -7.75 -8.98
C SER A 132 -17.21 -6.42 -9.25
N VAL A 133 -15.97 -6.25 -8.79
CA VAL A 133 -15.24 -4.99 -9.00
C VAL A 133 -13.77 -5.29 -9.31
N ALA A 134 -13.12 -4.38 -10.02
CA ALA A 134 -11.69 -4.47 -10.26
C ALA A 134 -10.94 -3.35 -9.56
N ILE A 135 -9.73 -3.64 -9.12
CA ILE A 135 -8.92 -2.67 -8.41
C ILE A 135 -7.44 -2.82 -8.76
N ASP A 136 -6.66 -1.80 -8.40
CA ASP A 136 -5.23 -1.89 -8.34
C ASP A 136 -4.87 -2.55 -7.03
N ALA A 137 -4.42 -3.79 -7.09
CA ALA A 137 -3.98 -4.58 -5.94
C ALA A 137 -2.47 -4.76 -5.91
N SER A 138 -1.74 -3.91 -6.65
CA SER A 138 -0.31 -4.10 -6.86
C SER A 138 0.59 -3.56 -5.75
N LEU A 139 0.07 -2.71 -4.88
CA LEU A 139 0.90 -2.11 -3.83
C LEU A 139 1.24 -3.06 -2.69
N THR A 140 2.46 -2.94 -2.17
CA THR A 140 2.88 -3.66 -0.97
C THR A 140 1.86 -3.50 0.16
N SER A 141 1.33 -2.30 0.34
CA SER A 141 0.39 -2.01 1.42
C SER A 141 -0.91 -2.84 1.30
N PHE A 142 -1.35 -3.06 0.06
CA PHE A 142 -2.52 -3.91 -0.18
C PHE A 142 -2.15 -5.38 0.08
N GLN A 143 -1.00 -5.80 -0.42
CA GLN A 143 -0.58 -7.18 -0.30
C GLN A 143 -0.52 -7.65 1.14
N PHE A 144 -0.06 -6.79 2.05
CA PHE A 144 0.12 -7.17 3.43
C PHE A 144 -0.84 -6.50 4.38
N TYR A 145 -1.94 -5.99 3.85
CA TYR A 145 -3.05 -5.49 4.64
C TYR A 145 -3.45 -6.46 5.73
N SER A 146 -3.72 -5.94 6.93
CA SER A 146 -4.22 -6.75 8.05
C SER A 146 -5.53 -6.24 8.65
N LYS A 147 -5.66 -4.92 8.77
CA LYS A 147 -6.80 -4.33 9.47
C LYS A 147 -6.97 -2.85 9.15
N GLY A 148 -8.13 -2.32 9.51
CA GLY A 148 -8.43 -0.92 9.31
C GLY A 148 -8.98 -0.67 7.93
N VAL A 149 -9.16 0.60 7.60
CA VAL A 149 -9.64 0.97 6.29
C VAL A 149 -8.46 1.28 5.40
N TYR A 150 -8.33 0.51 4.32
CA TYR A 150 -7.18 0.59 3.46
C TYR A 150 -7.23 1.82 2.56
N TYR A 151 -6.09 2.52 2.51
CA TYR A 151 -5.88 3.67 1.65
C TYR A 151 -4.39 3.84 1.44
N ASP A 152 -3.99 4.05 0.19
CA ASP A 152 -2.60 4.34 -0.13
C ASP A 152 -2.64 5.26 -1.32
N GLU A 153 -2.06 6.45 -1.17
CA GLU A 153 -2.16 7.46 -2.24
C GLU A 153 -1.40 7.07 -3.50
N SER A 154 -0.61 6.00 -3.43
CA SER A 154 0.03 5.47 -4.63
C SER A 154 -0.90 4.57 -5.45
N CYS A 155 -2.10 4.30 -4.95
CA CYS A 155 -3.03 3.41 -5.67
C CYS A 155 -3.41 4.07 -6.98
N ASN A 156 -3.34 3.32 -8.06
CA ASN A 156 -3.60 3.85 -9.39
C ASN A 156 -4.91 3.34 -9.97
N SER A 157 -5.91 4.21 -10.03
CA SER A 157 -7.22 3.83 -10.57
C SER A 157 -7.20 3.47 -12.07
N ASP A 158 -6.10 3.79 -12.76
CA ASP A 158 -5.89 3.37 -14.15
C ASP A 158 -5.08 2.08 -14.31
N ASN A 159 -4.77 1.42 -13.20
CA ASN A 159 -4.06 0.16 -13.20
C ASN A 159 -4.96 -0.90 -12.56
N LEU A 160 -6.00 -1.31 -13.29
CA LEU A 160 -6.89 -2.33 -12.78
C LEU A 160 -6.29 -3.68 -13.12
N ASN A 161 -5.79 -4.36 -12.10
CA ASN A 161 -5.03 -5.60 -12.25
C ASN A 161 -5.56 -6.74 -11.41
N HIS A 162 -6.66 -6.52 -10.69
CA HIS A 162 -7.20 -7.56 -9.77
C HIS A 162 -8.71 -7.42 -9.65
N ALA A 163 -9.40 -8.56 -9.56
CA ALA A 163 -10.85 -8.60 -9.45
C ALA A 163 -11.17 -9.18 -8.08
N VAL A 164 -12.14 -8.55 -7.42
CA VAL A 164 -12.57 -8.90 -6.08
C VAL A 164 -14.08 -8.73 -6.04
N LEU A 165 -14.68 -8.88 -4.88
CA LEU A 165 -16.11 -8.87 -4.76
C LEU A 165 -16.50 -7.90 -3.63
N ALA A 166 -17.32 -6.89 -3.95
CA ALA A 166 -17.87 -5.98 -2.96
C ALA A 166 -19.12 -6.61 -2.35
N VAL A 167 -19.02 -7.00 -1.08
CA VAL A 167 -20.11 -7.67 -0.38
C VAL A 167 -20.82 -6.77 0.62
N GLY A 168 -20.44 -5.49 0.66
CA GLY A 168 -21.08 -4.56 1.57
C GLY A 168 -20.33 -3.25 1.65
N TYR A 169 -20.75 -2.41 2.58
CA TYR A 169 -20.09 -1.13 2.81
C TYR A 169 -20.47 -0.66 4.19
N GLY A 170 -19.68 0.26 4.72
CA GLY A 170 -19.95 0.78 6.04
C GLY A 170 -19.00 1.87 6.42
N ILE A 171 -18.76 1.96 7.72
CA ILE A 171 -17.87 2.96 8.27
C ILE A 171 -17.17 2.39 9.48
N GLN A 172 -15.92 2.80 9.67
N GLN A 172 -15.93 2.81 9.68
CA GLN A 172 -15.14 2.39 10.81
CA GLN A 172 -15.13 2.38 10.81
C GLN A 172 -14.37 3.61 11.28
C GLN A 172 -14.35 3.58 11.29
N LYS A 173 -14.56 3.96 12.54
CA LYS A 173 -13.85 5.10 13.16
C LYS A 173 -13.98 6.39 12.33
N GLY A 174 -15.16 6.59 11.76
CA GLY A 174 -15.45 7.79 10.97
C GLY A 174 -15.01 7.74 9.51
N ASN A 175 -14.35 6.66 9.12
CA ASN A 175 -13.91 6.48 7.73
C ASN A 175 -14.70 5.43 6.98
N LYS A 176 -15.34 5.88 5.90
CA LYS A 176 -16.24 5.02 5.14
C LYS A 176 -15.44 4.01 4.36
N HIS A 177 -16.04 2.84 4.15
CA HIS A 177 -15.36 1.75 3.50
C HIS A 177 -16.28 0.88 2.65
N TRP A 178 -15.65 0.11 1.78
CA TRP A 178 -16.24 -1.04 1.10
C TRP A 178 -15.73 -2.30 1.78
N ILE A 179 -16.62 -3.28 1.94
CA ILE A 179 -16.26 -4.58 2.45
C ILE A 179 -15.94 -5.48 1.26
N ILE A 180 -14.68 -5.87 1.14
CA ILE A 180 -14.19 -6.56 -0.05
C ILE A 180 -13.72 -7.98 0.24
N LYS A 181 -14.33 -8.95 -0.44
CA LYS A 181 -13.93 -10.35 -0.38
C LYS A 181 -12.87 -10.60 -1.46
N ASN A 182 -11.69 -11.02 -1.02
CA ASN A 182 -10.59 -11.36 -1.94
C ASN A 182 -10.62 -12.88 -2.17
N SER A 183 -9.76 -13.36 -3.06
CA SER A 183 -9.61 -14.78 -3.35
C SER A 183 -8.15 -15.24 -3.20
N TRP A 184 -7.48 -14.71 -2.17
CA TRP A 184 -6.13 -15.10 -1.83
C TRP A 184 -6.07 -15.95 -0.55
N GLY A 185 -7.17 -16.60 -0.20
CA GLY A 185 -7.20 -17.47 0.97
C GLY A 185 -7.59 -16.75 2.25
N GLU A 186 -7.97 -17.54 3.26
CA GLU A 186 -8.53 -16.99 4.49
C GLU A 186 -7.45 -16.44 5.39
N ASN A 187 -6.20 -16.72 5.05
CA ASN A 187 -5.08 -16.22 5.82
C ASN A 187 -4.59 -14.86 5.31
N TRP A 188 -5.07 -14.44 4.15
CA TRP A 188 -4.70 -13.14 3.63
C TRP A 188 -5.61 -12.08 4.28
N GLY A 189 -5.06 -10.88 4.47
CA GLY A 189 -5.85 -9.76 4.92
C GLY A 189 -6.44 -10.03 6.28
N ASN A 190 -7.70 -9.64 6.44
CA ASN A 190 -8.47 -9.94 7.64
C ASN A 190 -9.47 -11.10 7.36
N LYS A 191 -9.00 -12.30 7.62
CA LYS A 191 -9.72 -13.54 7.36
C LYS A 191 -10.12 -13.64 5.88
N GLY A 192 -9.31 -13.06 4.99
CA GLY A 192 -9.58 -13.07 3.55
C GLY A 192 -10.26 -11.82 2.98
N TYR A 193 -10.61 -10.88 3.86
CA TYR A 193 -11.31 -9.64 3.51
C TYR A 193 -10.42 -8.42 3.72
N ILE A 194 -10.79 -7.34 3.04
CA ILE A 194 -10.18 -6.03 3.24
C ILE A 194 -11.28 -4.97 3.20
N LEU A 195 -11.16 -3.99 4.09
CA LEU A 195 -12.01 -2.81 4.06
C LEU A 195 -11.23 -1.78 3.27
N MET A 196 -11.83 -1.31 2.18
CA MET A 196 -11.17 -0.33 1.31
C MET A 196 -11.88 1.03 1.40
N ALA A 197 -11.10 2.12 1.42
CA ALA A 197 -11.65 3.46 1.51
C ALA A 197 -12.78 3.67 0.51
N ARG A 198 -13.88 4.22 1.00
CA ARG A 198 -15.05 4.56 0.20
C ARG A 198 -15.26 6.08 0.18
N ASN A 199 -15.67 6.57 -0.98
CA ASN A 199 -15.89 8.01 -1.23
C ASN A 199 -14.65 8.85 -1.03
N LYS A 200 -13.48 8.24 -1.28
CA LYS A 200 -12.21 8.96 -1.28
CA LYS A 200 -12.19 8.91 -1.26
C LYS A 200 -11.67 8.98 -2.70
N ASN A 201 -12.45 9.62 -3.58
CA ASN A 201 -12.08 9.80 -4.98
C ASN A 201 -11.80 8.48 -5.73
N ASN A 202 -12.64 7.47 -5.49
CA ASN A 202 -12.52 6.21 -6.23
C ASN A 202 -11.16 5.57 -6.00
N ALA A 203 -10.77 5.50 -4.73
CA ALA A 203 -9.48 4.93 -4.38
C ALA A 203 -9.30 3.53 -4.95
N CYS A 204 -8.15 3.31 -5.58
CA CYS A 204 -7.75 2.06 -6.23
C CYS A 204 -8.62 1.68 -7.42
N GLY A 205 -9.45 2.60 -7.90
CA GLY A 205 -10.32 2.35 -9.03
C GLY A 205 -11.52 1.45 -8.75
N ILE A 206 -11.94 1.41 -7.48
CA ILE A 206 -12.95 0.44 -7.03
C ILE A 206 -14.28 0.48 -7.79
N ALA A 207 -14.68 1.64 -8.31
CA ALA A 207 -15.91 1.76 -9.08
C ALA A 207 -15.67 1.91 -10.59
N ASN A 208 -14.43 1.73 -11.04
CA ASN A 208 -14.14 1.87 -12.48
C ASN A 208 -14.62 0.71 -13.37
N LEU A 209 -14.76 -0.49 -12.80
CA LEU A 209 -15.15 -1.66 -13.60
C LEU A 209 -15.98 -2.63 -12.77
N ALA A 210 -17.12 -2.13 -12.30
CA ALA A 210 -18.01 -2.90 -11.48
C ALA A 210 -19.19 -3.41 -12.28
N SER A 211 -19.54 -4.67 -12.06
CA SER A 211 -20.69 -5.25 -12.74
C SER A 211 -21.35 -6.31 -11.90
N PHE A 212 -22.55 -6.70 -12.26
CA PHE A 212 -23.22 -7.83 -11.61
C PHE A 212 -24.10 -8.57 -12.60
N PRO A 213 -24.32 -9.88 -12.37
CA PRO A 213 -25.14 -10.68 -13.28
C PRO A 213 -26.63 -10.51 -13.01
N LYS A 214 -27.42 -10.57 -14.09
CA LYS A 214 -28.87 -10.67 -14.02
C LYS A 214 -29.23 -12.16 -13.90
N MET A 215 -30.19 -12.47 -13.05
CA MET A 215 -30.63 -13.85 -12.91
C MET A 215 -32.16 -13.97 -13.01
N ALA B 1 31.74 25.11 4.75
CA ALA B 1 30.79 24.23 4.01
C ALA B 1 30.45 24.79 2.61
N PRO B 2 30.16 23.92 1.65
CA PRO B 2 29.66 24.43 0.38
C PRO B 2 28.31 25.16 0.52
N ASP B 3 28.07 26.11 -0.38
CA ASP B 3 26.82 26.88 -0.40
C ASP B 3 25.60 26.01 -0.71
N SER B 4 25.80 24.96 -1.51
N SER B 4 25.80 24.96 -1.51
CA SER B 4 24.74 23.97 -1.75
CA SER B 4 24.74 24.00 -1.86
C SER B 4 25.35 22.57 -1.80
C SER B 4 25.31 22.56 -1.92
N VAL B 5 24.52 21.60 -1.46
CA VAL B 5 24.92 20.19 -1.38
C VAL B 5 23.73 19.36 -1.84
N ASP B 6 23.99 18.30 -2.61
CA ASP B 6 22.92 17.36 -2.97
C ASP B 6 23.54 15.99 -3.12
N TYR B 7 23.41 15.16 -2.08
CA TYR B 7 24.04 13.85 -2.12
C TYR B 7 23.48 12.86 -3.12
N ARG B 8 22.31 13.15 -3.69
CA ARG B 8 21.86 12.38 -4.84
C ARG B 8 22.86 12.40 -5.99
N LYS B 9 23.57 13.53 -6.12
CA LYS B 9 24.55 13.74 -7.19
C LYS B 9 25.83 12.92 -6.99
N LYS B 10 26.05 12.44 -5.77
CA LYS B 10 27.22 11.65 -5.39
C LYS B 10 26.87 10.18 -5.20
N GLY B 11 25.63 9.82 -5.52
CA GLY B 11 25.16 8.44 -5.47
C GLY B 11 24.94 7.87 -4.09
N TYR B 12 24.62 8.71 -3.09
CA TYR B 12 24.39 8.24 -1.72
C TYR B 12 22.94 7.87 -1.42
N VAL B 13 22.04 8.08 -2.38
CA VAL B 13 20.62 8.04 -2.08
C VAL B 13 19.88 7.02 -2.94
N THR B 14 19.13 6.15 -2.27
CA THR B 14 18.35 5.11 -2.94
C THR B 14 17.02 5.68 -3.38
N PRO B 15 16.26 4.92 -4.19
CA PRO B 15 14.93 5.36 -4.61
C PRO B 15 13.98 5.64 -3.45
N VAL B 16 13.01 6.51 -3.71
CA VAL B 16 11.96 6.85 -2.77
C VAL B 16 11.12 5.60 -2.49
N LYS B 17 10.86 5.35 -1.21
CA LYS B 17 10.11 4.18 -0.77
C LYS B 17 8.70 4.62 -0.36
N ASN B 18 7.82 3.64 -0.11
CA ASN B 18 6.45 3.88 0.32
C ASN B 18 6.18 3.10 1.60
N GLN B 19 6.01 3.83 2.70
CA GLN B 19 5.86 3.20 3.99
C GLN B 19 4.48 2.56 4.22
N GLY B 20 3.51 2.87 3.35
CA GLY B 20 2.13 2.38 3.49
C GLY B 20 1.43 2.98 4.69
N GLN B 21 0.63 2.17 5.37
CA GLN B 21 -0.19 2.67 6.49
C GLN B 21 0.49 2.48 7.85
N CYS B 22 1.74 2.05 7.82
CA CYS B 22 2.49 1.78 9.02
C CYS B 22 3.23 3.06 9.42
N GLY B 23 3.27 3.34 10.71
CA GLY B 23 4.00 4.49 11.25
C GLY B 23 5.48 4.21 11.39
N SER B 24 6.12 3.83 10.27
CA SER B 24 7.52 3.42 10.27
C SER B 24 8.46 4.46 9.67
N CYS B 25 7.99 5.70 9.55
CA CYS B 25 8.80 6.77 8.95
C CYS B 25 10.19 6.80 9.59
N TRP B 26 10.24 6.59 10.91
CA TRP B 26 11.50 6.59 11.65
C TRP B 26 12.48 5.52 11.12
N ALA B 27 11.94 4.40 10.70
CA ALA B 27 12.74 3.31 10.13
C ALA B 27 13.26 3.67 8.73
N PHE B 28 12.43 4.33 7.91
CA PHE B 28 12.88 4.75 6.59
C PHE B 28 13.94 5.84 6.67
N SER B 29 13.74 6.76 7.60
CA SER B 29 14.67 7.84 7.84
C SER B 29 16.02 7.25 8.28
N SER B 30 15.97 6.29 9.19
CA SER B 30 17.19 5.65 9.71
C SER B 30 17.96 4.89 8.63
N VAL B 31 17.22 4.09 7.87
CA VAL B 31 17.77 3.36 6.75
C VAL B 31 18.42 4.30 5.72
N GLY B 32 17.75 5.40 5.42
CA GLY B 32 18.29 6.39 4.50
C GLY B 32 19.65 6.90 4.95
N ALA B 33 19.78 7.21 6.24
CA ALA B 33 21.04 7.71 6.77
C ALA B 33 22.13 6.63 6.73
N LEU B 34 21.75 5.40 7.08
CA LEU B 34 22.67 4.27 7.03
C LEU B 34 23.10 3.97 5.60
N GLU B 35 22.16 4.03 4.66
CA GLU B 35 22.46 3.80 3.22
C GLU B 35 23.52 4.78 2.71
N GLY B 36 23.39 6.04 3.11
CA GLY B 36 24.34 7.07 2.71
C GLY B 36 25.74 6.80 3.25
N GLN B 37 25.82 6.42 4.52
CA GLN B 37 27.10 6.16 5.15
C GLN B 37 27.75 4.88 4.59
N LEU B 38 26.93 3.90 4.25
CA LEU B 38 27.42 2.66 3.63
C LEU B 38 28.02 2.99 2.26
N LYS B 39 27.35 3.83 1.48
CA LYS B 39 27.90 4.24 0.18
C LYS B 39 29.23 4.98 0.35
N LYS B 40 29.28 5.89 1.31
CA LYS B 40 30.50 6.64 1.60
C LYS B 40 31.64 5.72 1.97
N LYS B 41 31.34 4.74 2.82
CA LYS B 41 32.37 3.85 3.37
C LYS B 41 32.89 2.81 2.38
N THR B 42 31.98 2.22 1.60
CA THR B 42 32.29 1.07 0.75
C THR B 42 32.14 1.29 -0.76
N GLY B 43 31.53 2.41 -1.15
CA GLY B 43 31.27 2.72 -2.55
C GLY B 43 30.04 2.06 -3.16
N LYS B 44 29.34 1.25 -2.36
CA LYS B 44 28.21 0.48 -2.85
C LYS B 44 26.93 1.08 -2.28
N LEU B 45 25.96 1.32 -3.16
CA LEU B 45 24.65 1.78 -2.76
C LEU B 45 23.68 0.59 -2.71
N LEU B 46 23.12 0.33 -1.54
CA LEU B 46 22.24 -0.83 -1.31
C LEU B 46 21.02 -0.37 -0.53
N ASN B 47 19.84 -0.87 -0.90
CA ASN B 47 18.65 -0.69 -0.07
C ASN B 47 18.80 -1.53 1.18
N LEU B 48 18.67 -0.88 2.35
CA LEU B 48 18.67 -1.59 3.62
C LEU B 48 17.24 -1.77 4.13
N SER B 49 17.08 -2.59 5.17
CA SER B 49 15.74 -3.05 5.59
C SER B 49 15.09 -2.21 6.70
N PRO B 50 14.12 -1.34 6.33
CA PRO B 50 13.34 -0.74 7.42
C PRO B 50 12.49 -1.74 8.22
N GLN B 51 12.09 -2.84 7.59
CA GLN B 51 11.29 -3.86 8.29
C GLN B 51 12.05 -4.49 9.43
N ASN B 52 13.33 -4.77 9.18
CA ASN B 52 14.26 -5.24 10.21
C ASN B 52 14.17 -4.34 11.45
N LEU B 53 14.22 -3.04 11.24
CA LEU B 53 14.09 -2.09 12.35
C LEU B 53 12.68 -2.12 13.01
N VAL B 54 11.63 -2.07 12.20
CA VAL B 54 10.28 -2.07 12.72
C VAL B 54 10.08 -3.24 13.69
N ASP B 55 10.45 -4.42 13.21
CA ASP B 55 10.21 -5.66 13.93
C ASP B 55 11.13 -5.87 15.12
N CYS B 56 12.36 -5.37 15.03
CA CYS B 56 13.38 -5.76 15.99
C CYS B 56 13.82 -4.71 16.98
N VAL B 57 13.54 -3.43 16.72
CA VAL B 57 13.94 -2.36 17.63
C VAL B 57 12.89 -2.28 18.74
N SER B 58 13.11 -3.05 19.81
CA SER B 58 12.15 -3.13 20.89
C SER B 58 12.07 -1.84 21.68
N GLU B 59 13.07 -0.98 21.51
CA GLU B 59 13.09 0.35 22.15
C GLU B 59 12.07 1.32 21.51
N ASN B 60 11.57 0.96 20.33
CA ASN B 60 10.61 1.75 19.57
C ASN B 60 9.29 1.01 19.57
N ASP B 61 8.27 1.62 18.97
CA ASP B 61 6.93 1.06 18.98
C ASP B 61 6.49 0.54 17.60
N GLY B 62 7.44 0.08 16.79
CA GLY B 62 7.09 -0.49 15.49
C GLY B 62 6.29 0.44 14.61
N CYS B 63 5.11 0.01 14.17
CA CYS B 63 4.25 0.86 13.32
C CYS B 63 3.57 1.99 14.10
N GLY B 64 3.74 2.02 15.41
CA GLY B 64 3.26 3.12 16.26
C GLY B 64 4.22 4.30 16.43
N GLY B 65 5.44 4.17 15.92
CA GLY B 65 6.38 5.29 15.95
C GLY B 65 7.67 4.90 16.62
N GLY B 66 8.63 5.80 16.60
CA GLY B 66 9.92 5.55 17.22
C GLY B 66 10.91 6.67 17.00
N TYR B 67 12.10 6.49 17.56
CA TYR B 67 13.19 7.40 17.38
C TYR B 67 14.27 6.76 16.53
N MET B 68 14.88 7.58 15.66
CA MET B 68 15.99 7.12 14.83
C MET B 68 17.21 6.75 15.66
N THR B 69 17.47 7.48 16.74
CA THR B 69 18.59 7.14 17.63
C THR B 69 18.51 5.68 18.13
N ASN B 70 17.32 5.24 18.51
CA ASN B 70 17.13 3.85 18.94
C ASN B 70 17.44 2.86 17.83
N ALA B 71 17.09 3.23 16.60
CA ALA B 71 17.37 2.40 15.43
C ALA B 71 18.88 2.24 15.25
N PHE B 72 19.60 3.35 15.20
CA PHE B 72 21.06 3.29 15.08
C PHE B 72 21.70 2.44 16.18
N GLN B 73 21.26 2.66 17.43
CA GLN B 73 21.79 1.89 18.55
C GLN B 73 21.51 0.40 18.39
N TYR B 74 20.33 0.07 17.88
CA TYR B 74 20.00 -1.33 17.58
C TYR B 74 20.98 -1.94 16.56
N VAL B 75 21.28 -1.23 15.48
CA VAL B 75 22.15 -1.78 14.46
C VAL B 75 23.54 -2.03 15.04
N GLN B 76 24.02 -1.09 15.86
CA GLN B 76 25.29 -1.27 16.53
C GLN B 76 25.28 -2.51 17.43
N LYS B 77 24.31 -2.58 18.32
CA LYS B 77 24.25 -3.65 19.32
C LYS B 77 23.99 -5.01 18.66
N ASN B 78 23.23 -5.01 17.58
CA ASN B 78 22.88 -6.22 16.84
C ASN B 78 24.02 -6.73 15.97
N ARG B 79 25.04 -5.90 15.79
CA ARG B 79 26.16 -6.15 14.90
C ARG B 79 25.70 -6.27 13.45
N GLY B 80 24.63 -5.59 13.10
CA GLY B 80 24.21 -5.55 11.71
C GLY B 80 22.77 -5.15 11.44
N ILE B 81 22.54 -4.78 10.20
CA ILE B 81 21.18 -4.61 9.67
C ILE B 81 21.15 -5.38 8.34
N ASP B 82 20.04 -6.06 8.08
CA ASP B 82 19.82 -6.78 6.82
C ASP B 82 19.54 -5.82 5.65
N SER B 83 19.83 -6.29 4.43
CA SER B 83 19.40 -5.62 3.22
C SER B 83 17.91 -5.74 3.06
N GLU B 84 17.35 -4.84 2.28
CA GLU B 84 15.94 -4.91 1.91
C GLU B 84 15.64 -6.25 1.25
N ASP B 85 16.52 -6.69 0.36
CA ASP B 85 16.33 -7.95 -0.34
C ASP B 85 16.23 -9.12 0.65
N ALA B 86 17.04 -9.08 1.69
CA ALA B 86 17.11 -10.14 2.70
C ALA B 86 15.98 -10.09 3.74
N TYR B 87 15.30 -8.95 3.84
CA TYR B 87 14.24 -8.72 4.83
C TYR B 87 13.34 -7.61 4.28
N PRO B 88 12.49 -7.97 3.31
CA PRO B 88 11.69 -6.96 2.60
C PRO B 88 10.60 -6.32 3.43
N TYR B 89 10.18 -5.15 2.97
CA TYR B 89 9.19 -4.34 3.70
C TYR B 89 7.77 -4.82 3.46
N VAL B 90 7.03 -4.96 4.55
CA VAL B 90 5.62 -5.31 4.53
C VAL B 90 4.71 -4.26 5.18
N GLY B 91 5.24 -3.45 6.11
CA GLY B 91 4.44 -2.41 6.75
C GLY B 91 3.38 -2.92 7.70
N GLN B 92 3.71 -4.01 8.37
CA GLN B 92 2.88 -4.57 9.40
C GLN B 92 3.75 -4.98 10.57
N GLU B 93 3.14 -5.20 11.71
CA GLU B 93 3.89 -5.63 12.87
C GLU B 93 4.04 -7.14 12.82
N GLU B 94 5.24 -7.62 13.06
CA GLU B 94 5.51 -9.04 13.07
C GLU B 94 6.72 -9.31 13.93
N SER B 95 6.97 -10.59 14.18
CA SER B 95 8.07 -10.97 15.05
C SER B 95 9.39 -10.68 14.33
N CYS B 96 10.46 -10.54 15.10
CA CYS B 96 11.77 -10.29 14.55
C CYS B 96 12.29 -11.51 13.77
N MET B 97 12.72 -11.27 12.55
CA MET B 97 13.22 -12.31 11.64
C MET B 97 14.60 -11.93 11.08
N TYR B 98 15.36 -11.14 11.84
CA TYR B 98 16.73 -10.78 11.48
C TYR B 98 17.57 -12.05 11.26
N ASN B 99 18.30 -12.05 10.15
CA ASN B 99 19.17 -13.16 9.83
C ASN B 99 20.53 -12.58 9.47
N PRO B 100 21.58 -12.95 10.23
CA PRO B 100 22.90 -12.41 9.94
C PRO B 100 23.48 -12.69 8.54
N THR B 101 23.00 -13.74 7.87
N THR B 101 23.02 -13.75 7.85
CA THR B 101 23.43 -14.01 6.50
CA THR B 101 23.47 -13.98 6.48
C THR B 101 22.97 -12.91 5.53
C THR B 101 23.01 -12.86 5.54
N GLY B 102 21.95 -12.14 5.93
CA GLY B 102 21.45 -11.01 5.13
C GLY B 102 22.06 -9.66 5.46
N LYS B 103 23.05 -9.64 6.36
CA LYS B 103 23.65 -8.40 6.84
C LYS B 103 24.29 -7.62 5.70
N ALA B 104 24.00 -6.32 5.64
CA ALA B 104 24.54 -5.46 4.59
C ALA B 104 25.22 -4.20 5.11
N ALA B 105 25.05 -3.90 6.40
CA ALA B 105 25.78 -2.78 6.99
C ALA B 105 25.86 -2.94 8.49
N LYS B 106 26.79 -2.20 9.08
CA LYS B 106 26.97 -2.15 10.52
C LYS B 106 26.95 -0.70 10.93
N CYS B 107 26.93 -0.47 12.24
CA CYS B 107 26.87 0.86 12.77
C CYS B 107 27.74 0.94 14.03
N ARG B 108 28.52 2.01 14.15
CA ARG B 108 29.41 2.20 15.30
C ARG B 108 28.89 3.26 16.27
N GLY B 109 27.61 3.59 16.19
CA GLY B 109 27.03 4.60 17.08
C GLY B 109 26.32 5.68 16.28
N TYR B 110 26.01 6.78 16.92
CA TYR B 110 25.34 7.88 16.24
C TYR B 110 25.73 9.18 16.91
N ARG B 111 25.44 10.28 16.22
CA ARG B 111 25.66 11.61 16.74
C ARG B 111 24.38 12.42 16.54
N GLU B 112 24.17 13.38 17.44
CA GLU B 112 23.00 14.25 17.41
C GLU B 112 23.45 15.66 17.08
N ILE B 113 22.65 16.34 16.28
CA ILE B 113 22.91 17.74 15.95
C ILE B 113 22.38 18.60 17.11
N PRO B 114 23.14 19.63 17.55
CA PRO B 114 22.61 20.52 18.59
C PRO B 114 21.19 21.02 18.29
N GLU B 115 20.30 20.88 19.27
CA GLU B 115 18.89 21.09 19.06
C GLU B 115 18.58 22.49 18.53
N GLY B 116 17.81 22.52 17.43
CA GLY B 116 17.32 23.76 16.84
C GLY B 116 18.30 24.53 15.97
N ASN B 117 19.52 24.01 15.83
CA ASN B 117 20.57 24.76 15.17
C ASN B 117 20.71 24.37 13.70
N GLU B 118 20.19 25.21 12.81
CA GLU B 118 20.23 24.91 11.39
C GLU B 118 21.62 25.09 10.76
N LYS B 119 22.50 25.87 11.39
CA LYS B 119 23.87 26.02 10.93
C LYS B 119 24.60 24.71 11.18
N ALA B 120 24.40 24.15 12.36
CA ALA B 120 25.00 22.87 12.74
C ALA B 120 24.47 21.78 11.83
N LEU B 121 23.17 21.79 11.55
CA LEU B 121 22.61 20.79 10.64
C LEU B 121 23.21 20.90 9.25
N LYS B 122 23.42 22.14 8.79
CA LYS B 122 24.01 22.38 7.50
C LYS B 122 25.42 21.79 7.46
N ARG B 123 26.17 22.05 8.52
N ARG B 123 26.17 22.04 8.52
CA ARG B 123 27.55 21.59 8.63
CA ARG B 123 27.55 21.59 8.60
C ARG B 123 27.61 20.06 8.63
C ARG B 123 27.64 20.07 8.68
N ALA B 124 26.66 19.43 9.33
CA ALA B 124 26.59 17.96 9.42
C ALA B 124 26.25 17.36 8.04
N VAL B 125 25.26 17.91 7.37
CA VAL B 125 24.90 17.39 6.06
C VAL B 125 26.12 17.52 5.12
N ALA B 126 26.76 18.68 5.12
CA ALA B 126 27.92 18.92 4.26
C ALA B 126 29.06 17.91 4.50
N ARG B 127 29.32 17.62 5.78
CA ARG B 127 30.48 16.81 6.21
C ARG B 127 30.24 15.32 6.21
N VAL B 128 28.99 14.91 6.47
CA VAL B 128 28.67 13.50 6.71
C VAL B 128 27.98 12.84 5.51
N GLY B 129 26.94 13.49 5.02
CA GLY B 129 26.06 12.89 4.05
C GLY B 129 24.65 13.08 4.53
N PRO B 130 23.70 12.34 3.96
CA PRO B 130 22.31 12.45 4.44
C PRO B 130 22.13 12.27 5.96
N VAL B 131 21.26 13.09 6.51
CA VAL B 131 21.03 13.17 7.95
C VAL B 131 19.56 12.92 8.23
N SER B 132 19.29 12.09 9.24
CA SER B 132 17.93 11.83 9.69
C SER B 132 17.39 13.04 10.43
N VAL B 133 16.18 13.47 10.07
CA VAL B 133 15.53 14.60 10.76
C VAL B 133 14.06 14.31 11.01
N ALA B 134 13.51 15.02 12.00
CA ALA B 134 12.11 14.92 12.34
C ALA B 134 11.45 16.27 12.09
N ILE B 135 10.21 16.25 11.61
CA ILE B 135 9.45 17.45 11.28
C ILE B 135 8.00 17.36 11.70
N ASP B 136 7.31 18.50 11.67
CA ASP B 136 5.85 18.53 11.69
C ASP B 136 5.39 18.39 10.25
N ALA B 137 4.85 17.22 9.92
CA ALA B 137 4.29 16.95 8.58
C ALA B 137 2.76 16.83 8.61
N SER B 138 2.13 17.48 9.58
CA SER B 138 0.70 17.29 9.82
C SER B 138 -0.19 18.20 8.96
N LEU B 139 0.39 19.26 8.39
CA LEU B 139 -0.41 20.25 7.66
C LEU B 139 -0.87 19.77 6.29
N THR B 140 -2.08 20.17 5.90
CA THR B 140 -2.58 19.80 4.57
C THR B 140 -1.70 20.39 3.45
N SER B 141 -1.09 21.55 3.70
CA SER B 141 -0.13 22.15 2.75
C SER B 141 1.08 21.24 2.46
N PHE B 142 1.51 20.48 3.46
CA PHE B 142 2.57 19.48 3.30
C PHE B 142 2.04 18.27 2.53
N GLN B 143 0.85 17.79 2.91
CA GLN B 143 0.23 16.66 2.23
C GLN B 143 0.17 16.90 0.73
N PHE B 144 -0.14 18.13 0.32
CA PHE B 144 -0.34 18.45 -1.09
C PHE B 144 0.75 19.28 -1.71
N TYR B 145 1.94 19.24 -1.12
CA TYR B 145 3.08 19.91 -1.69
C TYR B 145 3.33 19.42 -3.11
N SER B 146 3.59 20.36 -4.03
CA SER B 146 3.94 20.01 -5.41
C SER B 146 5.35 20.46 -5.78
N LYS B 147 5.62 21.75 -5.63
CA LYS B 147 6.91 22.31 -6.01
C LYS B 147 7.21 23.57 -5.21
N GLY B 148 8.43 24.07 -5.40
CA GLY B 148 8.90 25.26 -4.71
C GLY B 148 9.41 24.97 -3.34
N VAL B 149 9.70 26.02 -2.59
CA VAL B 149 10.26 25.88 -1.27
C VAL B 149 9.11 25.98 -0.29
N TYR B 150 8.85 24.89 0.41
CA TYR B 150 7.72 24.80 1.32
C TYR B 150 7.94 25.61 2.59
N TYR B 151 6.98 26.49 2.86
CA TYR B 151 6.95 27.23 4.11
C TYR B 151 5.50 27.45 4.49
N ASP B 152 5.16 27.13 5.73
CA ASP B 152 3.82 27.38 6.24
C ASP B 152 3.96 27.88 7.67
N GLU B 153 3.51 29.10 7.92
CA GLU B 153 3.61 29.69 9.26
C GLU B 153 2.90 28.88 10.34
N SER B 154 1.98 28.00 9.95
CA SER B 154 1.28 27.13 10.90
C SER B 154 2.06 25.88 11.32
N CYS B 155 3.19 25.61 10.65
CA CYS B 155 4.03 24.49 11.04
C CYS B 155 4.52 24.66 12.47
N ASN B 156 4.45 23.59 13.26
CA ASN B 156 4.72 23.64 14.68
C ASN B 156 6.01 22.87 15.00
N SER B 157 7.07 23.61 15.35
CA SER B 157 8.38 23.02 15.65
C SER B 157 8.40 22.19 16.94
N ASP B 158 7.35 22.32 17.76
CA ASP B 158 7.17 21.49 18.95
C ASP B 158 6.31 20.26 18.70
N ASN B 159 5.91 20.04 17.46
CA ASN B 159 5.08 18.90 17.09
C ASN B 159 5.82 18.03 16.07
N LEU B 160 6.82 17.29 16.54
CA LEU B 160 7.63 16.45 15.65
C LEU B 160 6.95 15.10 15.48
N ASN B 161 6.29 14.91 14.34
CA ASN B 161 5.44 13.75 14.13
C ASN B 161 5.81 12.89 12.94
N HIS B 162 6.88 13.24 12.24
CA HIS B 162 7.26 12.52 11.01
C HIS B 162 8.76 12.60 10.85
N ALA B 163 9.38 11.52 10.34
CA ALA B 163 10.82 11.44 10.18
C ALA B 163 11.10 11.32 8.68
N VAL B 164 12.11 12.06 8.22
CA VAL B 164 12.42 12.14 6.81
C VAL B 164 13.95 12.22 6.73
N LEU B 165 14.48 12.42 5.53
CA LEU B 165 15.92 12.43 5.34
C LEU B 165 16.36 13.69 4.61
N ALA B 166 17.31 14.41 5.21
CA ALA B 166 17.86 15.61 4.58
C ALA B 166 19.07 15.17 3.76
N VAL B 167 18.94 15.23 2.43
CA VAL B 167 19.98 14.75 1.54
C VAL B 167 20.84 15.89 0.99
N GLY B 168 20.50 17.12 1.35
CA GLY B 168 21.21 18.29 0.90
C GLY B 168 20.51 19.57 1.28
N TYR B 169 20.99 20.65 0.68
CA TYR B 169 20.48 21.97 0.94
C TYR B 169 20.91 22.88 -0.20
N GLY B 170 20.19 23.97 -0.37
CA GLY B 170 20.58 24.96 -1.36
C GLY B 170 19.66 26.16 -1.32
N ILE B 171 19.42 26.71 -2.51
CA ILE B 171 18.61 27.91 -2.67
C ILE B 171 17.88 27.85 -4.03
N GLN B 172 16.63 28.29 -4.03
N GLN B 172 16.65 28.36 -4.05
CA GLN B 172 15.78 28.32 -5.23
CA GLN B 172 15.81 28.34 -5.25
C GLN B 172 15.07 29.68 -5.27
C GLN B 172 15.00 29.63 -5.31
N LYS B 173 15.20 30.40 -6.38
CA LYS B 173 14.55 31.73 -6.51
C LYS B 173 14.69 32.62 -5.25
N GLY B 174 15.88 32.62 -4.67
CA GLY B 174 16.20 33.38 -3.47
C GLY B 174 15.67 32.80 -2.16
N ASN B 175 15.03 31.62 -2.22
CA ASN B 175 14.54 30.97 -1.01
C ASN B 175 15.46 29.80 -0.61
N LYS B 176 16.12 29.91 0.52
CA LYS B 176 17.03 28.83 0.96
C LYS B 176 16.21 27.64 1.40
N HIS B 177 16.77 26.44 1.24
CA HIS B 177 16.05 25.22 1.51
C HIS B 177 16.93 24.03 1.89
N TRP B 178 16.24 23.02 2.41
CA TRP B 178 16.71 21.67 2.67
C TRP B 178 16.10 20.77 1.61
N ILE B 179 16.89 19.85 1.08
CA ILE B 179 16.41 18.85 0.15
C ILE B 179 16.04 17.63 0.99
N ILE B 180 14.75 17.33 1.03
CA ILE B 180 14.19 16.31 1.90
C ILE B 180 13.56 15.15 1.10
N LYS B 181 14.03 13.94 1.41
CA LYS B 181 13.49 12.69 0.87
C LYS B 181 12.47 12.15 1.86
N ASN B 182 11.24 11.94 1.39
CA ASN B 182 10.16 11.38 2.18
C ASN B 182 9.99 9.91 1.83
N SER B 183 9.09 9.22 2.53
CA SER B 183 8.83 7.80 2.33
C SER B 183 7.34 7.58 2.12
N TRP B 184 6.71 8.48 1.37
CA TRP B 184 5.29 8.37 1.06
C TRP B 184 5.10 8.00 -0.40
N GLY B 185 6.10 7.35 -0.97
CA GLY B 185 6.04 6.96 -2.38
C GLY B 185 6.34 8.11 -3.32
N GLU B 186 6.45 7.81 -4.61
CA GLU B 186 6.76 8.83 -5.62
C GLU B 186 5.55 9.65 -6.09
N ASN B 187 4.35 9.23 -5.72
CA ASN B 187 3.16 10.03 -6.03
C ASN B 187 2.99 11.23 -5.10
N TRP B 188 3.73 11.27 -4.00
CA TRP B 188 3.64 12.39 -3.09
C TRP B 188 4.70 13.43 -3.43
N GLY B 189 4.37 14.71 -3.25
CA GLY B 189 5.31 15.78 -3.44
C GLY B 189 5.86 15.88 -4.85
N ASN B 190 7.17 16.13 -4.93
CA ASN B 190 7.84 16.22 -6.22
C ASN B 190 8.66 14.95 -6.39
N LYS B 191 8.03 13.93 -6.98
CA LYS B 191 8.66 12.60 -7.12
C LYS B 191 9.20 12.06 -5.79
N GLY B 192 8.49 12.35 -4.71
CA GLY B 192 8.75 11.83 -3.37
C GLY B 192 9.58 12.77 -2.52
N TYR B 193 9.99 13.90 -3.11
CA TYR B 193 10.85 14.89 -2.46
C TYR B 193 10.11 16.19 -2.18
N ILE B 194 10.65 16.95 -1.21
CA ILE B 194 10.17 18.28 -0.90
C ILE B 194 11.36 19.16 -0.57
N LEU B 195 11.31 20.41 -1.01
CA LEU B 195 12.26 21.44 -0.58
C LEU B 195 11.57 22.17 0.55
N MET B 196 12.22 22.19 1.70
CA MET B 196 11.67 22.79 2.91
C MET B 196 12.49 24.02 3.30
N ALA B 197 11.80 25.09 3.69
CA ALA B 197 12.45 26.35 4.02
C ALA B 197 13.61 26.17 5.02
N ARG B 198 14.74 26.78 4.69
CA ARG B 198 15.95 26.72 5.51
C ARG B 198 16.29 28.13 6.01
N ASN B 199 16.76 28.18 7.25
CA ASN B 199 17.09 29.43 7.97
C ASN B 199 15.87 30.36 8.11
N LYS B 200 14.70 29.75 8.29
CA LYS B 200 13.46 30.48 8.50
CA LYS B 200 13.46 30.48 8.50
C LYS B 200 12.89 30.07 9.87
N ASN B 201 13.69 30.32 10.89
CA ASN B 201 13.32 30.08 12.29
C ASN B 201 13.04 28.61 12.56
N ASN B 202 13.86 27.73 11.97
CA ASN B 202 13.73 26.31 12.19
C ASN B 202 12.31 25.83 11.84
N ALA B 203 11.88 26.17 10.62
CA ALA B 203 10.52 25.91 10.16
C ALA B 203 10.23 24.41 10.19
N CYS B 204 9.07 24.05 10.75
CA CYS B 204 8.64 22.66 10.93
C CYS B 204 9.53 21.85 11.87
N GLY B 205 10.44 22.52 12.58
CA GLY B 205 11.27 21.87 13.60
C GLY B 205 12.37 21.02 13.01
N ILE B 206 12.77 21.34 11.79
CA ILE B 206 13.65 20.50 10.99
C ILE B 206 15.01 20.22 11.65
N ALA B 207 15.49 21.15 12.45
CA ALA B 207 16.76 20.94 13.19
C ALA B 207 16.57 20.53 14.66
N ASN B 208 15.37 20.17 15.11
CA ASN B 208 15.14 19.85 16.53
C ASN B 208 15.48 18.42 16.93
N LEU B 209 15.53 17.51 15.96
CA LEU B 209 15.78 16.09 16.27
C LEU B 209 16.49 15.39 15.11
N ALA B 210 17.68 15.91 14.82
CA ALA B 210 18.53 15.48 13.71
C ALA B 210 19.69 14.61 14.23
N SER B 211 19.97 13.53 13.52
CA SER B 211 21.03 12.61 13.92
C SER B 211 21.56 11.87 12.73
N PHE B 212 22.76 11.29 12.89
CA PHE B 212 23.32 10.46 11.83
C PHE B 212 24.11 9.32 12.45
N PRO B 213 24.19 8.20 11.74
CA PRO B 213 24.96 7.07 12.23
C PRO B 213 26.44 7.18 11.91
N LYS B 214 27.26 6.57 12.76
CA LYS B 214 28.67 6.38 12.51
C LYS B 214 28.88 4.99 11.93
N MET B 215 29.84 4.85 11.04
CA MET B 215 30.09 3.59 10.40
C MET B 215 31.59 3.34 10.22
#